data_1B3P
#
_entry.id   1B3P
#
_cell.length_a   1.000
_cell.length_b   1.000
_cell.length_c   1.000
_cell.angle_alpha   90.00
_cell.angle_beta   90.00
_cell.angle_gamma   90.00
#
_symmetry.space_group_name_H-M   'P 1'
#
_entity_poly.entity_id   1
_entity_poly.type   'polydeoxyribonucleotide'
_entity_poly.pdbx_seq_one_letter_code
;(DG)(DG)(DA)(DG)(DG)(DA)(DT)
;
_entity_poly.pdbx_strand_id   A,B
#